data_3EWO
#
_entry.id   3EWO
#
_cell.length_a   41.139
_cell.length_b   43.201
_cell.length_c   48.940
_cell.angle_alpha   78.02
_cell.angle_beta   80.06
_cell.angle_gamma   73.57
#
_symmetry.space_group_name_H-M   'P 1'
#
loop_
_entity.id
_entity.type
_entity.pdbx_description
1 polymer 'Non-structural protein 3'
2 water water
#
_entity_poly.entity_id   1
_entity_poly.type   'polypeptide(L)'
_entity_poly.pdbx_seq_one_letter_code
;LGSVKPATCEKPKFLEYKTCVGDLAVVIAKALDEFKEFCIVNAANEHMSHGGGVAKAIADFCGPDFVEYCADYVKKHGPQ
QKLVTPSFVKGIQCVNNVVGPRHGDSNLREKLVAAYKSVLVGGVVNYVVPVLSSGIFGVDFKISIDAMREAFKGCAIRVL
LFSLSQEHIDYFDATCK
;
_entity_poly.pdbx_strand_id   A,B
#
# COMPACT_ATOMS: atom_id res chain seq x y z
N LEU A 1 6.90 -29.31 -2.79
CA LEU A 1 7.55 -29.87 -1.56
C LEU A 1 8.61 -28.91 -1.00
N GLY A 2 9.00 -29.16 0.24
CA GLY A 2 9.92 -28.30 0.97
C GLY A 2 9.19 -27.32 1.87
N SER A 3 9.90 -26.73 2.83
CA SER A 3 9.30 -25.77 3.75
C SER A 3 9.96 -24.40 3.65
N VAL A 4 9.21 -23.35 3.95
CA VAL A 4 9.78 -22.00 4.01
C VAL A 4 10.38 -21.83 5.40
N LYS A 5 11.41 -20.99 5.51
CA LYS A 5 12.00 -20.72 6.83
C LYS A 5 10.89 -20.26 7.77
N PRO A 6 10.77 -20.91 8.96
CA PRO A 6 9.70 -20.51 9.89
C PRO A 6 9.88 -19.06 10.35
N ALA A 7 8.75 -18.40 10.57
CA ALA A 7 8.69 -17.01 11.01
C ALA A 7 9.36 -16.84 12.37
N THR A 8 9.96 -15.68 12.60
CA THR A 8 10.53 -15.35 13.92
C THR A 8 9.51 -14.74 14.87
N CYS A 9 8.39 -14.28 14.33
CA CYS A 9 7.29 -13.89 15.20
C CYS A 9 6.46 -15.11 15.62
N GLU A 10 5.68 -14.90 16.66
CA GLU A 10 4.93 -15.94 17.32
C GLU A 10 3.49 -15.97 16.82
N LYS A 11 2.94 -17.18 16.71
CA LYS A 11 1.52 -17.35 16.43
C LYS A 11 0.67 -16.64 17.49
N PRO A 12 -0.50 -16.13 17.07
CA PRO A 12 -1.40 -15.54 18.03
C PRO A 12 -2.14 -16.65 18.80
N LYS A 13 -2.76 -16.26 19.90
CA LYS A 13 -3.54 -17.16 20.75
C LYS A 13 -4.79 -17.65 20.07
N PHE A 14 -5.38 -16.80 19.22
CA PHE A 14 -6.50 -17.21 18.41
C PHE A 14 -6.43 -16.51 17.07
N LEU A 15 -7.28 -16.95 16.16
CA LEU A 15 -7.42 -16.33 14.84
C LEU A 15 -7.63 -14.81 14.96
N GLU A 16 -6.84 -14.03 14.25
CA GLU A 16 -7.01 -12.57 14.28
C GLU A 16 -7.20 -12.03 12.87
N TYR A 17 -8.21 -11.21 12.71
CA TYR A 17 -8.44 -10.54 11.40
C TYR A 17 -8.15 -9.04 11.45
N LYS A 18 -7.59 -8.52 10.36
CA LYS A 18 -7.46 -7.10 10.11
C LYS A 18 -7.92 -6.89 8.69
N THR A 19 -8.26 -5.66 8.36
CA THR A 19 -8.66 -5.34 6.99
C THR A 19 -7.95 -4.12 6.47
N CYS A 20 -7.84 -4.01 5.14
CA CYS A 20 -7.33 -2.81 4.51
C CYS A 20 -7.97 -2.61 3.15
N VAL A 21 -8.47 -1.40 2.92
CA VAL A 21 -9.04 -1.02 1.61
C VAL A 21 -8.00 -0.14 0.93
N GLY A 22 -7.65 -0.47 -0.31
CA GLY A 22 -6.76 0.42 -1.04
C GLY A 22 -5.88 -0.29 -2.02
N ASP A 23 -4.99 0.50 -2.63
CA ASP A 23 -4.00 0.02 -3.58
C ASP A 23 -3.08 -0.94 -2.88
N LEU A 24 -2.43 -1.82 -3.65
CA LEU A 24 -1.52 -2.78 -3.03
C LEU A 24 -0.48 -2.14 -2.09
N ALA A 25 0.10 -1.02 -2.50
CA ALA A 25 1.15 -0.37 -1.74
C ALA A 25 0.68 0.01 -0.33
N VAL A 26 -0.55 0.50 -0.23
CA VAL A 26 -1.21 0.82 1.02
C VAL A 26 -1.34 -0.41 1.92
N VAL A 27 -1.79 -1.50 1.32
CA VAL A 27 -1.98 -2.77 2.00
C VAL A 27 -0.66 -3.31 2.57
N ILE A 28 0.38 -3.35 1.74
CA ILE A 28 1.72 -3.80 2.15
C ILE A 28 2.30 -2.87 3.20
N ALA A 29 2.04 -1.59 3.05
CA ALA A 29 2.52 -0.65 4.05
C ALA A 29 1.96 -0.98 5.44
N LYS A 30 0.64 -1.24 5.52
CA LYS A 30 0.02 -1.72 6.76
C LYS A 30 0.62 -3.03 7.28
N ALA A 31 0.69 -4.03 6.41
CA ALA A 31 1.23 -5.35 6.73
C ALA A 31 2.68 -5.34 7.25
N LEU A 32 3.56 -4.52 6.67
CA LEU A 32 4.95 -4.46 7.07
C LEU A 32 5.11 -3.85 8.45
N ASP A 33 4.22 -2.91 8.78
CA ASP A 33 4.18 -2.36 10.12
C ASP A 33 3.50 -3.27 11.18
N GLU A 34 2.44 -3.98 10.78
CA GLU A 34 1.74 -4.87 11.73
C GLU A 34 2.38 -6.24 11.84
N PHE A 35 2.93 -6.77 10.76
CA PHE A 35 3.44 -8.13 10.77
C PHE A 35 4.97 -8.10 10.74
N LYS A 36 5.64 -8.87 11.58
CA LYS A 36 7.11 -8.89 11.46
C LYS A 36 7.46 -9.39 10.05
N GLU A 37 6.83 -10.50 9.70
CA GLU A 37 6.98 -11.08 8.38
C GLU A 37 5.65 -11.74 8.09
N PHE A 38 5.38 -11.96 6.81
CA PHE A 38 4.11 -12.48 6.35
C PHE A 38 4.20 -13.10 4.98
N CYS A 39 3.22 -13.96 4.73
CA CYS A 39 2.94 -14.46 3.39
C CYS A 39 1.90 -13.58 2.70
N ILE A 40 2.19 -13.20 1.46
CA ILE A 40 1.12 -12.56 0.64
C ILE A 40 0.47 -13.54 -0.37
N VAL A 41 -0.86 -13.61 -0.35
CA VAL A 41 -1.61 -14.51 -1.19
C VAL A 41 -1.89 -13.82 -2.53
N ASN A 42 -1.51 -14.50 -3.59
CA ASN A 42 -1.82 -13.97 -4.90
C ASN A 42 -2.98 -14.75 -5.55
N ALA A 43 -3.89 -14.01 -6.19
CA ALA A 43 -5.09 -14.53 -6.85
C ALA A 43 -4.67 -14.80 -8.29
N ALA A 44 -4.04 -15.95 -8.48
CA ALA A 44 -3.30 -16.31 -9.65
C ALA A 44 -4.15 -17.09 -10.65
N ASN A 45 -3.56 -17.29 -11.83
CA ASN A 45 -4.04 -18.29 -12.77
C ASN A 45 -3.03 -19.45 -12.86
N GLU A 46 -3.40 -20.52 -13.58
CA GLU A 46 -2.63 -21.74 -13.50
C GLU A 46 -1.33 -21.59 -14.31
N HIS A 47 -1.31 -20.62 -15.23
CA HIS A 47 -0.09 -20.28 -15.97
C HIS A 47 0.84 -19.34 -15.23
N MET A 48 0.40 -18.85 -14.07
CA MET A 48 1.16 -17.90 -13.27
C MET A 48 1.58 -16.73 -14.15
N SER A 49 0.66 -16.30 -15.03
CA SER A 49 0.84 -15.15 -15.90
C SER A 49 0.74 -13.74 -15.25
N HIS A 50 -0.16 -13.49 -14.32
CA HIS A 50 -0.14 -12.17 -13.64
C HIS A 50 -0.33 -10.98 -14.62
N GLY A 51 -1.17 -11.17 -15.61
CA GLY A 51 -1.38 -10.12 -16.61
C GLY A 51 -2.38 -9.05 -16.18
N GLY A 52 -3.25 -9.37 -15.20
CA GLY A 52 -4.33 -8.46 -14.78
C GLY A 52 -4.59 -8.48 -13.28
N GLY A 53 -5.35 -7.48 -12.80
CA GLY A 53 -5.89 -7.43 -11.47
C GLY A 53 -4.83 -7.38 -10.41
N VAL A 54 -5.15 -7.92 -9.23
CA VAL A 54 -4.19 -7.99 -8.19
C VAL A 54 -2.91 -8.82 -8.49
N ALA A 55 -3.00 -9.88 -9.26
CA ALA A 55 -1.81 -10.62 -9.70
C ALA A 55 -0.80 -9.73 -10.42
N LYS A 56 -1.31 -8.80 -11.24
CA LYS A 56 -0.50 -7.81 -11.91
C LYS A 56 0.16 -6.84 -10.94
N ALA A 57 -0.58 -6.36 -9.96
CA ALA A 57 -0.03 -5.45 -8.96
C ALA A 57 1.06 -6.17 -8.14
N ILE A 58 0.84 -7.45 -7.84
CA ILE A 58 1.79 -8.20 -6.98
C ILE A 58 3.04 -8.48 -7.80
N ALA A 59 2.85 -8.84 -9.07
CA ALA A 59 3.99 -9.09 -9.98
C ALA A 59 4.89 -7.86 -10.19
N ASP A 60 4.26 -6.73 -10.53
CA ASP A 60 4.93 -5.44 -10.65
C ASP A 60 5.65 -5.08 -9.32
N PHE A 61 4.99 -5.30 -8.19
CA PHE A 61 5.59 -5.04 -6.87
C PHE A 61 6.85 -5.90 -6.60
N CYS A 62 6.71 -7.22 -6.68
CA CYS A 62 7.78 -8.14 -6.32
C CYS A 62 8.93 -8.08 -7.30
N GLY A 63 8.57 -7.82 -8.56
CA GLY A 63 9.50 -7.41 -9.63
C GLY A 63 9.97 -8.54 -10.51
N PRO A 64 10.95 -8.25 -11.39
CA PRO A 64 11.53 -9.11 -12.37
C PRO A 64 11.95 -10.48 -11.87
N ASP A 65 12.51 -10.55 -10.66
CA ASP A 65 12.92 -11.81 -10.05
C ASP A 65 11.71 -12.71 -9.93
N PHE A 66 10.60 -12.14 -9.47
CA PHE A 66 9.41 -12.94 -9.19
C PHE A 66 8.77 -13.46 -10.51
N VAL A 67 8.68 -12.57 -11.50
CA VAL A 67 8.12 -12.91 -12.79
C VAL A 67 8.95 -14.02 -13.41
N GLU A 68 10.27 -13.84 -13.39
CA GLU A 68 11.19 -14.85 -13.89
C GLU A 68 11.05 -16.21 -13.16
N TYR A 69 10.99 -16.21 -11.82
CA TYR A 69 10.79 -17.44 -11.03
C TYR A 69 9.56 -18.23 -11.47
N CYS A 70 8.40 -17.57 -11.47
CA CYS A 70 7.13 -18.17 -11.91
C CYS A 70 7.23 -18.69 -13.36
N ALA A 71 7.86 -17.90 -14.23
CA ALA A 71 8.04 -18.26 -15.64
C ALA A 71 8.87 -19.54 -15.81
N ASP A 72 10.00 -19.60 -15.13
CA ASP A 72 10.92 -20.74 -15.24
C ASP A 72 10.27 -22.00 -14.63
N TYR A 73 9.47 -21.80 -13.60
CA TYR A 73 8.82 -22.88 -12.90
C TYR A 73 7.70 -23.54 -13.72
N VAL A 74 6.83 -22.70 -14.29
CA VAL A 74 5.73 -23.21 -15.11
C VAL A 74 6.30 -23.85 -16.38
N LYS A 75 7.38 -23.29 -16.93
CA LYS A 75 8.00 -23.92 -18.10
C LYS A 75 8.56 -25.28 -17.73
N LYS A 76 9.13 -25.41 -16.54
CA LYS A 76 9.75 -26.69 -16.14
C LYS A 76 8.72 -27.72 -15.67
N HIS A 77 7.74 -27.29 -14.90
CA HIS A 77 6.79 -28.19 -14.24
C HIS A 77 5.35 -28.17 -14.78
N GLY A 78 5.05 -27.22 -15.65
CA GLY A 78 3.70 -27.08 -16.18
C GLY A 78 2.84 -26.21 -15.28
N PRO A 79 1.57 -26.02 -15.67
CA PRO A 79 0.59 -25.20 -14.93
C PRO A 79 0.43 -25.74 -13.50
N GLN A 80 0.14 -24.84 -12.55
CA GLN A 80 0.05 -25.12 -11.12
C GLN A 80 -1.25 -24.51 -10.58
N GLN A 81 -1.99 -25.27 -9.78
CA GLN A 81 -3.18 -24.75 -9.08
C GLN A 81 -2.73 -23.96 -7.86
N LYS A 82 -1.49 -24.21 -7.42
CA LYS A 82 -0.86 -23.55 -6.26
C LYS A 82 0.66 -23.55 -6.44
N LEU A 83 1.26 -22.40 -6.15
CA LEU A 83 2.69 -22.25 -6.20
C LEU A 83 3.17 -21.27 -5.11
N VAL A 84 3.94 -21.81 -4.19
CA VAL A 84 4.58 -20.99 -3.15
C VAL A 84 5.95 -20.56 -3.61
N THR A 85 6.12 -19.27 -3.86
CA THR A 85 7.36 -18.75 -4.42
C THR A 85 8.05 -17.75 -3.49
N PRO A 86 9.32 -17.40 -3.79
CA PRO A 86 9.96 -16.24 -3.21
C PRO A 86 9.23 -14.98 -3.54
N SER A 87 9.40 -13.98 -2.69
CA SER A 87 8.82 -12.67 -2.99
C SER A 87 9.89 -11.67 -3.47
N PHE A 88 11.13 -11.90 -3.00
CA PHE A 88 12.28 -10.98 -3.20
C PHE A 88 12.03 -9.60 -2.57
N VAL A 89 11.20 -9.59 -1.53
CA VAL A 89 10.92 -8.41 -0.71
C VAL A 89 11.16 -8.75 0.74
N LYS A 90 11.94 -7.92 1.41
CA LYS A 90 12.24 -8.11 2.84
C LYS A 90 10.93 -8.15 3.59
N GLY A 91 10.79 -9.05 4.56
CA GLY A 91 9.53 -9.18 5.28
C GLY A 91 8.44 -10.03 4.70
N ILE A 92 8.51 -10.26 3.38
CA ILE A 92 7.53 -11.08 2.72
C ILE A 92 8.15 -12.45 2.55
N GLN A 93 7.66 -13.37 3.37
CA GLN A 93 8.25 -14.70 3.50
C GLN A 93 8.15 -15.46 2.22
N CYS A 94 7.03 -15.27 1.56
CA CYS A 94 6.73 -15.95 0.31
C CYS A 94 5.48 -15.37 -0.27
N VAL A 95 5.26 -15.67 -1.55
CA VAL A 95 4.01 -15.39 -2.15
C VAL A 95 3.34 -16.75 -2.37
N ASN A 96 2.12 -16.90 -1.88
CA ASN A 96 1.32 -18.07 -2.14
C ASN A 96 0.33 -17.74 -3.25
N ASN A 97 0.67 -18.22 -4.44
CA ASN A 97 -0.19 -18.07 -5.65
C ASN A 97 -1.22 -19.17 -5.73
N VAL A 98 -2.47 -18.86 -5.37
CA VAL A 98 -3.55 -19.83 -5.33
C VAL A 98 -4.50 -19.59 -6.51
N VAL A 99 -4.81 -20.66 -7.27
CA VAL A 99 -5.81 -20.54 -8.34
C VAL A 99 -7.20 -20.92 -7.77
N GLY A 100 -8.09 -19.96 -7.59
CA GLY A 100 -9.44 -20.27 -7.12
C GLY A 100 -10.43 -20.69 -8.21
N PRO A 101 -11.67 -21.06 -7.82
CA PRO A 101 -12.71 -21.43 -8.75
C PRO A 101 -13.28 -20.21 -9.46
N ARG A 102 -14.07 -20.45 -10.51
CA ARG A 102 -14.69 -19.36 -11.26
C ARG A 102 -16.22 -19.41 -11.21
N HIS A 103 -16.86 -18.28 -11.52
CA HIS A 103 -18.31 -18.16 -11.55
C HIS A 103 -18.91 -19.34 -12.31
N GLY A 104 -19.98 -19.91 -11.77
CA GLY A 104 -20.65 -21.00 -12.48
C GLY A 104 -20.05 -22.38 -12.30
N ASP A 105 -18.87 -22.49 -11.67
CA ASP A 105 -18.22 -23.81 -11.45
C ASP A 105 -19.07 -24.63 -10.48
N SER A 106 -19.10 -25.95 -10.67
CA SER A 106 -19.91 -26.80 -9.80
C SER A 106 -19.20 -26.94 -8.46
N ASN A 107 -19.96 -27.18 -7.41
CA ASN A 107 -19.36 -27.37 -6.08
C ASN A 107 -18.54 -26.13 -5.65
N LEU A 108 -19.03 -24.94 -6.02
CA LEU A 108 -18.33 -23.70 -5.75
C LEU A 108 -17.85 -23.54 -4.30
N ARG A 109 -18.73 -23.79 -3.33
CA ARG A 109 -18.36 -23.46 -1.95
C ARG A 109 -17.23 -24.36 -1.48
N GLU A 110 -17.35 -25.65 -1.71
CA GLU A 110 -16.29 -26.59 -1.42
C GLU A 110 -14.96 -26.21 -2.09
N LYS A 111 -15.00 -25.79 -3.35
CA LYS A 111 -13.78 -25.36 -4.02
C LYS A 111 -13.20 -24.06 -3.41
N LEU A 112 -14.03 -23.07 -3.12
CA LEU A 112 -13.58 -21.89 -2.33
C LEU A 112 -12.91 -22.19 -0.99
N VAL A 113 -13.59 -22.95 -0.12
CA VAL A 113 -13.01 -23.39 1.15
C VAL A 113 -11.64 -24.05 0.95
N ALA A 114 -11.53 -24.96 -0.01
CA ALA A 114 -10.27 -25.64 -0.30
C ALA A 114 -9.16 -24.68 -0.75
N ALA A 115 -9.54 -23.65 -1.50
CA ALA A 115 -8.58 -22.65 -1.97
C ALA A 115 -8.04 -21.87 -0.75
N TYR A 116 -8.93 -21.40 0.10
CA TYR A 116 -8.48 -20.66 1.29
C TYR A 116 -7.66 -21.56 2.21
N LYS A 117 -8.05 -22.83 2.33
CA LYS A 117 -7.32 -23.74 3.18
C LYS A 117 -5.89 -23.93 2.70
N SER A 118 -5.72 -23.84 1.39
CA SER A 118 -4.45 -23.96 0.68
C SER A 118 -3.54 -22.74 0.82
N VAL A 119 -4.10 -21.62 1.30
CA VAL A 119 -3.35 -20.42 1.66
C VAL A 119 -2.27 -20.72 2.70
N LEU A 120 -2.59 -21.62 3.62
CA LEU A 120 -1.70 -21.90 4.74
C LEU A 120 -0.37 -22.49 4.31
N VAL A 121 0.69 -21.99 4.92
CA VAL A 121 2.06 -22.40 4.57
C VAL A 121 2.78 -22.73 5.86
N GLY A 122 3.41 -23.91 5.94
CA GLY A 122 4.03 -24.28 7.22
C GLY A 122 5.12 -23.31 7.65
N GLY A 123 5.09 -22.81 8.88
CA GLY A 123 6.09 -21.83 9.28
C GLY A 123 5.71 -20.39 9.03
N VAL A 124 4.45 -20.14 8.67
CA VAL A 124 3.98 -18.78 8.39
C VAL A 124 2.76 -18.59 9.25
N VAL A 125 2.72 -17.51 10.04
CA VAL A 125 1.58 -17.28 10.87
C VAL A 125 0.80 -16.06 10.47
N ASN A 126 1.43 -15.14 9.73
CA ASN A 126 0.75 -13.93 9.25
C ASN A 126 0.49 -13.97 7.74
N TYR A 127 -0.71 -13.61 7.34
CA TYR A 127 -1.11 -13.70 5.91
C TYR A 127 -1.79 -12.45 5.42
N VAL A 128 -1.53 -12.10 4.15
CA VAL A 128 -2.22 -10.96 3.56
C VAL A 128 -2.99 -11.54 2.38
N VAL A 129 -4.32 -11.50 2.48
CA VAL A 129 -5.22 -12.33 1.66
C VAL A 129 -6.19 -11.44 0.87
N PRO A 130 -6.30 -11.68 -0.48
CA PRO A 130 -7.32 -11.00 -1.25
C PRO A 130 -8.64 -11.79 -1.22
N VAL A 131 -9.70 -11.22 -1.79
CA VAL A 131 -10.98 -11.95 -1.93
C VAL A 131 -10.83 -12.85 -3.11
N LEU A 132 -10.46 -14.10 -2.84
CA LEU A 132 -10.17 -15.02 -3.94
C LEU A 132 -11.38 -15.13 -4.87
N SER A 133 -11.08 -15.28 -6.15
CA SER A 133 -12.09 -15.52 -7.21
C SER A 133 -13.05 -14.37 -7.50
N SER A 134 -12.91 -13.24 -6.78
CA SER A 134 -13.86 -12.11 -6.94
C SER A 134 -13.49 -11.05 -8.00
N GLY A 135 -12.32 -11.18 -8.63
CA GLY A 135 -12.03 -10.31 -9.79
C GLY A 135 -12.43 -10.92 -11.12
N ILE A 136 -11.42 -11.22 -11.96
CA ILE A 136 -11.63 -11.82 -13.28
C ILE A 136 -12.44 -13.13 -13.19
N PHE A 137 -12.25 -13.88 -12.12
CA PHE A 137 -12.93 -15.18 -11.92
C PHE A 137 -14.45 -15.11 -11.68
N GLY A 138 -14.92 -13.93 -11.31
CA GLY A 138 -16.35 -13.61 -11.32
C GLY A 138 -17.27 -14.16 -10.26
N VAL A 139 -16.69 -14.63 -9.15
CA VAL A 139 -17.45 -15.15 -8.01
C VAL A 139 -17.90 -14.02 -7.08
N ASP A 140 -19.13 -14.12 -6.58
CA ASP A 140 -19.69 -13.17 -5.63
C ASP A 140 -18.77 -13.02 -4.41
N PHE A 141 -18.33 -11.79 -4.13
CA PHE A 141 -17.38 -11.56 -3.04
C PHE A 141 -17.91 -12.04 -1.71
N LYS A 142 -19.23 -12.03 -1.56
CA LYS A 142 -19.80 -12.49 -0.31
C LYS A 142 -19.57 -13.98 0.00
N ILE A 143 -19.81 -14.84 -0.99
CA ILE A 143 -19.55 -16.29 -0.87
C ILE A 143 -18.06 -16.58 -0.70
N SER A 144 -17.20 -15.83 -1.39
CA SER A 144 -15.76 -15.99 -1.21
C SER A 144 -15.32 -15.65 0.23
N ILE A 145 -15.78 -14.50 0.72
CA ILE A 145 -15.52 -14.12 2.12
C ILE A 145 -16.09 -15.09 3.14
N ASP A 146 -17.35 -15.51 3.01
CA ASP A 146 -17.85 -16.63 3.84
C ASP A 146 -16.99 -17.90 3.75
N ALA A 147 -16.60 -18.30 2.54
CA ALA A 147 -15.64 -19.43 2.37
C ALA A 147 -14.35 -19.26 3.23
N MET A 148 -13.84 -18.03 3.28
CA MET A 148 -12.61 -17.72 4.03
C MET A 148 -12.80 -17.95 5.50
N ARG A 149 -13.92 -17.44 6.03
CA ARG A 149 -14.17 -17.55 7.49
C ARG A 149 -14.30 -19.01 7.87
N GLU A 150 -14.99 -19.78 7.04
CA GLU A 150 -15.11 -21.23 7.22
C GLU A 150 -13.74 -21.95 7.14
N ALA A 151 -12.92 -21.62 6.14
CA ALA A 151 -11.57 -22.19 6.02
C ALA A 151 -10.67 -21.94 7.24
N PHE A 152 -10.71 -20.72 7.77
CA PHE A 152 -9.75 -20.29 8.78
C PHE A 152 -10.21 -20.43 10.19
N LYS A 153 -11.49 -20.73 10.36
CA LYS A 153 -12.07 -20.84 11.71
C LYS A 153 -11.25 -21.81 12.57
N GLY A 154 -11.00 -21.40 13.81
CA GLY A 154 -10.27 -22.24 14.74
C GLY A 154 -8.77 -22.08 14.61
N CYS A 155 -8.34 -21.38 13.56
CA CYS A 155 -6.94 -21.39 13.15
C CYS A 155 -6.16 -20.29 13.85
N ALA A 156 -5.00 -20.66 14.41
CA ALA A 156 -4.10 -19.69 15.02
C ALA A 156 -3.22 -19.01 13.99
N ILE A 157 -3.82 -18.10 13.21
CA ILE A 157 -3.06 -17.23 12.34
C ILE A 157 -3.55 -15.79 12.43
N ARG A 158 -2.80 -14.87 11.83
CA ARG A 158 -3.27 -13.53 11.62
C ARG A 158 -3.56 -13.33 10.13
N VAL A 159 -4.69 -12.74 9.83
CA VAL A 159 -5.10 -12.52 8.41
C VAL A 159 -5.46 -11.07 8.17
N LEU A 160 -4.70 -10.41 7.31
CA LEU A 160 -5.10 -9.11 6.79
C LEU A 160 -5.87 -9.28 5.46
N LEU A 161 -7.19 -9.12 5.50
CA LEU A 161 -8.00 -9.21 4.26
C LEU A 161 -7.95 -7.86 3.54
N PHE A 162 -7.77 -7.84 2.21
CA PHE A 162 -7.70 -6.56 1.55
C PHE A 162 -8.45 -6.60 0.23
N SER A 163 -8.80 -5.41 -0.22
CA SER A 163 -9.51 -5.22 -1.49
C SER A 163 -9.42 -3.78 -1.94
N LEU A 164 -9.61 -3.55 -3.23
CA LEU A 164 -9.83 -2.18 -3.73
C LEU A 164 -11.22 -1.66 -3.35
N SER A 165 -12.15 -2.57 -3.08
CA SER A 165 -13.57 -2.19 -2.90
C SER A 165 -14.01 -2.10 -1.43
N GLN A 166 -14.50 -0.92 -1.03
CA GLN A 166 -14.98 -0.73 0.36
C GLN A 166 -16.14 -1.68 0.66
N GLU A 167 -17.01 -1.93 -0.33
CA GLU A 167 -18.12 -2.88 -0.17
C GLU A 167 -17.66 -4.24 0.34
N HIS A 168 -16.53 -4.73 -0.18
CA HIS A 168 -15.99 -6.02 0.17
C HIS A 168 -15.60 -6.06 1.66
N ILE A 169 -14.92 -5.01 2.11
CA ILE A 169 -14.45 -4.91 3.47
C ILE A 169 -15.65 -4.64 4.42
N ASP A 170 -16.58 -3.77 4.01
CA ASP A 170 -17.85 -3.56 4.79
C ASP A 170 -18.61 -4.88 5.03
N TYR A 171 -18.63 -5.73 4.01
CA TYR A 171 -19.24 -7.04 4.14
C TYR A 171 -18.49 -7.88 5.13
N PHE A 172 -17.17 -7.88 5.08
CA PHE A 172 -16.41 -8.61 6.09
C PHE A 172 -16.73 -8.19 7.53
N ASP A 173 -16.85 -6.90 7.79
CA ASP A 173 -17.23 -6.38 9.13
C ASP A 173 -18.60 -6.90 9.54
N ALA A 174 -19.48 -7.08 8.57
CA ALA A 174 -20.84 -7.62 8.82
C ALA A 174 -20.78 -9.11 9.18
N THR A 175 -19.70 -9.79 8.78
CA THR A 175 -19.50 -11.20 9.15
C THR A 175 -19.04 -11.28 10.63
N CYS A 176 -18.59 -10.15 11.15
CA CYS A 176 -18.05 -10.09 12.51
C CYS A 176 -19.12 -9.67 13.49
N LYS A 177 -20.29 -9.30 12.97
CA LYS A 177 -21.36 -8.72 13.80
C LYS A 177 -21.91 -9.74 14.81
N LYS B 11 -14.11 9.77 6.01
CA LYS B 11 -14.19 10.14 4.57
C LYS B 11 -15.08 11.39 4.38
N PRO B 12 -14.50 12.46 3.82
CA PRO B 12 -15.23 13.72 3.80
C PRO B 12 -16.26 13.79 2.69
N LYS B 13 -17.24 14.67 2.86
CA LYS B 13 -18.19 14.92 1.79
C LYS B 13 -17.51 15.56 0.57
N PHE B 14 -16.50 16.37 0.84
CA PHE B 14 -15.77 17.12 -0.16
C PHE B 14 -14.50 17.68 0.45
N LEU B 15 -13.61 18.20 -0.39
CA LEU B 15 -12.29 18.66 0.04
C LEU B 15 -12.27 19.61 1.21
N GLU B 16 -11.44 19.25 2.18
CA GLU B 16 -11.22 20.06 3.39
C GLU B 16 -9.73 20.41 3.57
N TYR B 17 -9.45 21.64 3.97
CA TYR B 17 -8.06 22.00 4.19
C TYR B 17 -7.82 22.36 5.65
N LYS B 18 -6.62 22.04 6.12
CA LYS B 18 -6.06 22.49 7.40
C LYS B 18 -4.64 22.95 7.14
N THR B 19 -4.05 23.71 8.07
CA THR B 19 -2.65 24.12 7.95
C THR B 19 -1.87 23.95 9.25
N CYS B 20 -0.55 23.91 9.13
CA CYS B 20 0.32 23.87 10.31
C CYS B 20 1.65 24.48 9.97
N VAL B 21 2.05 25.46 10.77
CA VAL B 21 3.42 25.93 10.73
C VAL B 21 4.15 25.24 11.86
N GLY B 22 5.23 24.55 11.52
CA GLY B 22 6.02 23.94 12.60
C GLY B 22 6.95 22.88 12.05
N ASP B 23 7.77 22.33 12.95
CA ASP B 23 8.61 21.20 12.60
C ASP B 23 7.77 19.92 12.51
N LEU B 24 8.36 18.88 11.96
CA LEU B 24 7.64 17.64 11.70
C LEU B 24 6.92 17.09 12.93
N ALA B 25 7.61 16.99 14.05
CA ALA B 25 6.97 16.57 15.30
C ALA B 25 5.67 17.31 15.62
N VAL B 26 5.67 18.64 15.51
CA VAL B 26 4.40 19.37 15.75
C VAL B 26 3.34 19.10 14.66
N VAL B 27 3.77 19.02 13.41
CA VAL B 27 2.85 18.71 12.27
C VAL B 27 2.15 17.35 12.46
N ILE B 28 2.94 16.33 12.83
CA ILE B 28 2.45 14.97 13.00
C ILE B 28 1.54 14.85 14.22
N ALA B 29 1.93 15.48 15.33
CA ALA B 29 1.10 15.55 16.52
C ALA B 29 -0.26 16.12 16.20
N LYS B 30 -0.29 17.19 15.42
CA LYS B 30 -1.56 17.79 15.05
C LYS B 30 -2.37 16.83 14.14
N ALA B 31 -1.69 16.25 13.17
CA ALA B 31 -2.32 15.31 12.22
C ALA B 31 -2.91 14.10 12.94
N LEU B 32 -2.16 13.53 13.88
CA LEU B 32 -2.69 12.41 14.67
C LEU B 32 -3.99 12.77 15.39
N ASP B 33 -4.08 14.00 15.85
CA ASP B 33 -5.28 14.51 16.51
C ASP B 33 -6.45 14.84 15.59
N GLU B 34 -6.15 15.53 14.50
CA GLU B 34 -7.17 15.95 13.51
C GLU B 34 -7.67 14.77 12.69
N PHE B 35 -6.78 13.84 12.37
CA PHE B 35 -7.09 12.80 11.38
C PHE B 35 -7.16 11.40 11.96
N LYS B 36 -6.40 11.16 13.02
CA LYS B 36 -6.28 9.82 13.58
C LYS B 36 -5.37 9.01 12.65
N GLU B 37 -5.71 8.90 11.38
CA GLU B 37 -4.91 8.15 10.39
C GLU B 37 -4.79 8.90 9.04
N PHE B 38 -3.62 8.84 8.44
CA PHE B 38 -3.35 9.68 7.31
C PHE B 38 -2.10 9.20 6.58
N CYS B 39 -1.94 9.69 5.36
CA CYS B 39 -0.73 9.51 4.57
C CYS B 39 0.11 10.80 4.64
N ILE B 40 1.41 10.63 4.82
CA ILE B 40 2.31 11.76 4.79
C ILE B 40 3.04 11.79 3.48
N VAL B 41 3.05 12.96 2.87
CA VAL B 41 3.70 13.15 1.62
C VAL B 41 5.10 13.62 1.85
N ASN B 42 6.04 12.94 1.21
CA ASN B 42 7.43 13.34 1.20
C ASN B 42 7.83 14.02 -0.13
N ALA B 43 8.46 15.19 -0.03
CA ALA B 43 9.06 15.87 -1.17
C ALA B 43 10.37 15.18 -1.48
N ALA B 44 10.27 14.11 -2.26
CA ALA B 44 11.40 13.22 -2.51
C ALA B 44 12.19 13.55 -3.77
N ASN B 45 13.36 12.94 -3.91
CA ASN B 45 14.00 12.87 -5.19
C ASN B 45 13.78 11.45 -5.79
N GLU B 46 14.02 11.29 -7.10
CA GLU B 46 13.67 10.05 -7.79
C GLU B 46 14.47 8.80 -7.29
N HIS B 47 15.60 9.03 -6.60
CA HIS B 47 16.46 7.96 -6.08
C HIS B 47 16.17 7.68 -4.64
N MET B 48 15.18 8.41 -4.14
CA MET B 48 14.68 8.23 -2.80
C MET B 48 15.76 8.43 -1.73
N SER B 49 16.65 9.39 -1.97
CA SER B 49 17.71 9.70 -1.02
C SER B 49 17.31 10.84 -0.10
N HIS B 50 17.19 10.54 1.19
CA HIS B 50 16.38 11.34 2.11
C HIS B 50 17.23 12.21 3.02
N GLY B 51 18.33 12.73 2.49
CA GLY B 51 19.39 13.28 3.32
C GLY B 51 19.12 14.68 3.85
N GLY B 52 18.11 15.33 3.27
CA GLY B 52 17.95 16.76 3.44
C GLY B 52 16.50 17.18 3.53
N GLY B 53 16.25 18.35 4.11
CA GLY B 53 14.92 18.98 4.07
C GLY B 53 13.84 18.17 4.78
N VAL B 54 12.59 18.25 4.32
CA VAL B 54 11.52 17.42 4.91
C VAL B 54 11.80 15.94 4.73
N ALA B 55 12.48 15.57 3.64
CA ALA B 55 12.80 14.19 3.38
C ALA B 55 13.61 13.65 4.57
N LYS B 56 14.63 14.40 4.99
CA LYS B 56 15.39 14.02 6.20
C LYS B 56 14.57 13.96 7.49
N ALA B 57 13.73 14.98 7.67
CA ALA B 57 12.81 15.00 8.79
C ALA B 57 11.98 13.72 8.83
N ILE B 58 11.43 13.32 7.69
CA ILE B 58 10.60 12.15 7.60
C ILE B 58 11.38 10.87 7.81
N ALA B 59 12.54 10.72 7.16
CA ALA B 59 13.38 9.54 7.24
C ALA B 59 13.81 9.36 8.70
N ASP B 60 14.18 10.47 9.32
CA ASP B 60 14.62 10.39 10.72
C ASP B 60 13.48 10.01 11.65
N PHE B 61 12.27 10.45 11.33
CA PHE B 61 11.08 10.16 12.13
C PHE B 61 10.62 8.70 12.01
N CYS B 62 10.57 8.21 10.77
CA CYS B 62 10.10 6.86 10.43
C CYS B 62 11.17 5.78 10.57
N GLY B 63 12.41 6.16 10.32
CA GLY B 63 13.54 5.33 10.68
C GLY B 63 14.16 4.44 9.63
N PRO B 64 15.07 3.55 10.08
CA PRO B 64 15.90 2.76 9.17
C PRO B 64 15.11 1.83 8.26
N ASP B 65 13.97 1.29 8.75
CA ASP B 65 13.17 0.39 7.91
C ASP B 65 12.58 1.10 6.72
N PHE B 66 12.18 2.35 6.95
CA PHE B 66 11.65 3.21 5.92
C PHE B 66 12.75 3.54 4.94
N VAL B 67 13.88 4.05 5.44
CA VAL B 67 15.06 4.34 4.60
C VAL B 67 15.45 3.14 3.74
N GLU B 68 15.57 1.97 4.37
CA GLU B 68 15.98 0.77 3.63
C GLU B 68 14.91 0.33 2.62
N TYR B 69 13.64 0.46 2.99
CA TYR B 69 12.54 0.13 2.08
C TYR B 69 12.70 0.90 0.75
N CYS B 70 12.93 2.21 0.86
CA CYS B 70 13.03 3.13 -0.30
C CYS B 70 14.27 2.83 -1.13
N ALA B 71 15.40 2.67 -0.43
CA ALA B 71 16.69 2.27 -1.04
C ALA B 71 16.55 0.96 -1.85
N ASP B 72 15.97 -0.07 -1.22
CA ASP B 72 15.83 -1.40 -1.82
C ASP B 72 14.93 -1.37 -3.09
N TYR B 73 13.91 -0.52 -3.05
CA TYR B 73 12.91 -0.47 -4.07
C TYR B 73 13.52 0.15 -5.33
N VAL B 74 14.19 1.28 -5.13
CA VAL B 74 14.90 1.98 -6.21
C VAL B 74 16.01 1.08 -6.74
N LYS B 75 16.67 0.31 -5.89
CA LYS B 75 17.65 -0.64 -6.40
C LYS B 75 17.03 -1.71 -7.34
N LYS B 76 15.84 -2.20 -6.99
CA LYS B 76 15.16 -3.21 -7.81
C LYS B 76 14.53 -2.59 -9.08
N HIS B 77 13.83 -1.46 -8.90
CA HIS B 77 12.90 -1.01 -9.93
C HIS B 77 13.33 0.22 -10.66
N GLY B 78 14.46 0.80 -10.25
CA GLY B 78 14.94 2.02 -10.85
C GLY B 78 14.36 3.21 -10.10
N PRO B 79 14.82 4.42 -10.44
CA PRO B 79 14.23 5.66 -9.93
C PRO B 79 12.70 5.80 -10.14
N GLN B 80 12.07 6.46 -9.19
CA GLN B 80 10.61 6.58 -9.15
C GLN B 80 10.23 8.04 -9.01
N GLN B 81 9.16 8.43 -9.69
CA GLN B 81 8.60 9.78 -9.56
C GLN B 81 7.53 9.82 -8.46
N LYS B 82 7.04 8.64 -8.08
CA LYS B 82 6.06 8.47 -7.01
C LYS B 82 6.35 7.12 -6.40
N LEU B 83 6.42 7.04 -5.06
CA LEU B 83 6.57 5.73 -4.41
C LEU B 83 5.89 5.71 -3.08
N VAL B 84 4.89 4.83 -2.94
CA VAL B 84 4.13 4.75 -1.70
C VAL B 84 4.83 3.66 -0.86
N THR B 85 5.16 3.94 0.40
CA THR B 85 5.97 2.97 1.13
C THR B 85 5.33 2.80 2.50
N PRO B 86 5.70 1.74 3.23
CA PRO B 86 5.39 1.77 4.67
C PRO B 86 5.98 2.98 5.38
N SER B 87 5.33 3.39 6.48
CA SER B 87 5.81 4.48 7.34
C SER B 87 6.50 3.90 8.59
N PHE B 88 6.07 2.69 8.96
CA PHE B 88 6.44 2.00 10.23
C PHE B 88 6.10 2.83 11.46
N VAL B 89 5.03 3.63 11.37
CA VAL B 89 4.59 4.49 12.46
C VAL B 89 3.08 4.30 12.62
N LYS B 90 2.64 4.00 13.83
CA LYS B 90 1.18 3.96 14.11
C LYS B 90 0.43 5.26 13.73
N GLY B 91 -0.69 5.07 13.04
CA GLY B 91 -1.48 6.22 12.63
C GLY B 91 -1.10 6.74 11.25
N ILE B 92 0.14 6.48 10.80
CA ILE B 92 0.57 6.92 9.48
C ILE B 92 0.43 5.72 8.53
N GLN B 93 -0.55 5.82 7.65
CA GLN B 93 -0.95 4.71 6.79
C GLN B 93 0.16 4.31 5.85
N CYS B 94 0.91 5.30 5.40
CA CYS B 94 1.98 5.10 4.43
C CYS B 94 2.69 6.43 4.23
N VAL B 95 3.85 6.38 3.55
CA VAL B 95 4.50 7.57 3.02
C VAL B 95 4.34 7.58 1.48
N ASN B 96 3.85 8.69 0.94
CA ASN B 96 3.87 8.87 -0.48
C ASN B 96 4.99 9.83 -0.87
N ASN B 97 6.06 9.28 -1.42
CA ASN B 97 7.20 10.06 -1.86
C ASN B 97 6.92 10.54 -3.28
N VAL B 98 6.86 11.86 -3.49
CA VAL B 98 6.40 12.49 -4.74
C VAL B 98 7.56 13.37 -5.15
N VAL B 99 8.02 13.20 -6.38
CA VAL B 99 9.08 14.04 -6.96
C VAL B 99 8.51 15.26 -7.73
N GLY B 100 8.71 16.43 -7.16
CA GLY B 100 8.37 17.67 -7.85
C GLY B 100 9.53 18.15 -8.73
N PRO B 101 9.35 19.25 -9.43
CA PRO B 101 10.40 19.70 -10.33
C PRO B 101 11.40 20.57 -9.57
N ARG B 102 12.51 20.89 -10.22
CA ARG B 102 13.56 21.71 -9.61
C ARG B 102 13.70 23.05 -10.34
N HIS B 103 14.27 24.03 -9.65
CA HIS B 103 15.51 24.65 -10.10
C HIS B 103 15.36 25.23 -11.50
N GLY B 104 15.35 24.36 -12.50
CA GLY B 104 14.23 24.27 -13.41
C GLY B 104 14.62 24.16 -14.86
N ASP B 105 14.20 23.08 -15.49
CA ASP B 105 12.82 22.68 -15.41
C ASP B 105 11.92 23.67 -16.13
N SER B 106 11.48 23.25 -17.29
CA SER B 106 10.36 23.87 -17.98
C SER B 106 9.00 23.57 -17.35
N ASN B 107 8.03 24.37 -17.74
CA ASN B 107 6.77 24.48 -17.06
C ASN B 107 6.62 23.70 -15.78
N LEU B 108 7.30 24.10 -14.73
CA LEU B 108 6.58 24.27 -13.53
C LEU B 108 5.39 24.80 -14.22
N ARG B 109 4.31 24.09 -14.11
CA ARG B 109 3.48 24.33 -12.97
C ARG B 109 3.42 22.87 -13.36
N GLU B 110 2.74 22.69 -14.55
CA GLU B 110 1.90 21.62 -15.02
C GLU B 110 2.63 20.45 -14.36
N LYS B 111 3.96 20.53 -14.30
CA LYS B 111 4.79 19.59 -13.56
C LYS B 111 4.34 19.51 -12.09
N LEU B 112 4.11 20.67 -11.47
CA LEU B 112 3.65 20.72 -10.08
C LEU B 112 2.23 20.15 -9.91
N VAL B 113 1.35 20.47 -10.84
CA VAL B 113 -0.01 19.90 -10.86
C VAL B 113 0.02 18.40 -10.97
N ALA B 114 0.87 17.86 -11.85
CA ALA B 114 0.95 16.43 -12.06
C ALA B 114 1.50 15.80 -10.77
N ALA B 115 2.49 16.46 -10.17
CA ALA B 115 3.05 16.03 -8.87
C ALA B 115 2.01 15.93 -7.76
N TYR B 116 1.28 17.00 -7.52
CA TYR B 116 0.22 16.99 -6.50
C TYR B 116 -0.87 15.97 -6.81
N LYS B 117 -1.31 15.86 -8.06
CA LYS B 117 -2.30 14.82 -8.37
C LYS B 117 -1.85 13.41 -7.94
N SER B 118 -0.56 13.14 -8.09
CA SER B 118 0.05 11.84 -7.73
C SER B 118 0.09 11.54 -6.23
N VAL B 119 -0.25 12.52 -5.42
CA VAL B 119 -0.33 12.38 -3.96
C VAL B 119 -1.46 11.43 -3.59
N LEU B 120 -2.49 11.40 -4.44
CA LEU B 120 -3.68 10.59 -4.18
C LEU B 120 -3.39 9.10 -4.26
N VAL B 121 -3.84 8.36 -3.27
CA VAL B 121 -3.61 6.91 -3.23
C VAL B 121 -4.97 6.27 -2.91
N GLY B 122 -5.31 5.17 -3.58
CA GLY B 122 -6.56 4.45 -3.28
C GLY B 122 -6.63 4.01 -1.81
N GLY B 123 -7.72 4.39 -1.14
CA GLY B 123 -7.96 3.95 0.24
C GLY B 123 -7.39 4.87 1.32
N VAL B 124 -6.93 6.03 0.92
CA VAL B 124 -6.47 7.05 1.84
C VAL B 124 -7.27 8.31 1.57
N VAL B 125 -7.81 8.92 2.62
CA VAL B 125 -8.59 10.14 2.45
C VAL B 125 -7.92 11.33 3.13
N ASN B 126 -7.18 11.08 4.22
CA ASN B 126 -6.41 12.11 4.91
C ASN B 126 -4.91 12.20 4.53
N TYR B 127 -4.47 13.40 4.17
CA TYR B 127 -3.09 13.64 3.70
C TYR B 127 -2.42 14.81 4.39
N VAL B 128 -1.14 14.66 4.64
CA VAL B 128 -0.34 15.66 5.28
C VAL B 128 0.69 15.98 4.20
N VAL B 129 0.67 17.21 3.71
CA VAL B 129 1.33 17.56 2.45
C VAL B 129 2.26 18.74 2.65
N PRO B 130 3.52 18.63 2.21
CA PRO B 130 4.42 19.79 2.24
C PRO B 130 4.19 20.65 1.01
N VAL B 131 4.81 21.83 0.99
CA VAL B 131 4.88 22.63 -0.26
C VAL B 131 5.99 22.01 -1.12
N LEU B 132 5.62 21.35 -2.21
CA LEU B 132 6.60 20.67 -3.03
C LEU B 132 7.52 21.65 -3.71
N SER B 133 8.80 21.31 -3.77
CA SER B 133 9.79 22.08 -4.53
C SER B 133 10.09 23.41 -3.86
N SER B 134 10.04 23.44 -2.53
CA SER B 134 10.24 24.70 -1.83
C SER B 134 11.59 24.74 -1.11
N GLY B 135 12.27 23.59 -1.06
CA GLY B 135 13.52 23.45 -0.33
C GLY B 135 14.74 24.04 -1.02
N ILE B 136 15.86 23.32 -0.92
CA ILE B 136 17.13 23.74 -1.54
C ILE B 136 17.16 23.38 -3.03
N GLY B 138 14.93 24.52 -5.28
CA GLY B 138 13.96 25.52 -4.88
C GLY B 138 13.22 26.19 -6.04
N VAL B 139 11.90 26.28 -5.92
CA VAL B 139 11.01 26.89 -6.91
C VAL B 139 10.07 27.83 -6.11
N ASP B 140 9.47 28.81 -6.77
CA ASP B 140 8.57 29.73 -6.07
C ASP B 140 7.40 28.98 -5.40
N PHE B 141 7.20 29.28 -4.12
CA PHE B 141 6.19 28.59 -3.33
C PHE B 141 4.76 28.93 -3.71
N LYS B 142 4.51 30.14 -4.21
CA LYS B 142 3.15 30.52 -4.62
C LYS B 142 2.69 29.69 -5.81
N ILE B 143 3.59 29.39 -6.73
CA ILE B 143 3.22 28.52 -7.84
C ILE B 143 2.96 27.08 -7.40
N SER B 144 3.76 26.58 -6.44
CA SER B 144 3.55 25.26 -5.87
C SER B 144 2.16 25.18 -5.21
N ILE B 145 1.85 26.15 -4.34
CA ILE B 145 0.57 26.21 -3.65
C ILE B 145 -0.63 26.38 -4.57
N ASP B 146 -0.45 27.17 -5.64
CA ASP B 146 -1.51 27.33 -6.62
C ASP B 146 -1.78 26.02 -7.33
N ALA B 147 -0.70 25.34 -7.75
CA ALA B 147 -0.74 24.01 -8.37
C ALA B 147 -1.49 22.96 -7.55
N MET B 148 -1.21 22.93 -6.23
CA MET B 148 -1.88 22.08 -5.28
C MET B 148 -3.41 22.25 -5.25
N ARG B 149 -3.86 23.51 -5.11
CA ARG B 149 -5.28 23.87 -5.26
C ARG B 149 -5.94 23.32 -6.55
N GLU B 150 -5.25 23.48 -7.69
CA GLU B 150 -5.77 22.97 -8.97
C GLU B 150 -5.88 21.44 -8.95
N ALA B 151 -4.84 20.77 -8.46
CA ALA B 151 -4.79 19.30 -8.43
C ALA B 151 -5.86 18.67 -7.53
N PHE B 152 -6.19 19.34 -6.41
CA PHE B 152 -7.10 18.77 -5.41
C PHE B 152 -8.59 19.10 -5.60
N LYS B 153 -8.87 20.06 -6.47
CA LYS B 153 -10.25 20.43 -6.85
C LYS B 153 -11.11 19.21 -7.08
N GLY B 154 -12.26 19.13 -6.42
CA GLY B 154 -13.20 18.07 -6.68
C GLY B 154 -12.95 16.78 -5.94
N CYS B 155 -11.84 16.72 -5.20
CA CYS B 155 -11.40 15.48 -4.53
C CYS B 155 -11.99 15.46 -3.15
N ALA B 156 -12.53 14.29 -2.78
CA ALA B 156 -13.21 14.12 -1.52
C ALA B 156 -12.16 13.58 -0.51
N ILE B 157 -11.32 14.51 -0.04
CA ILE B 157 -10.14 14.24 0.80
C ILE B 157 -9.93 15.35 1.82
N ARG B 158 -9.07 15.08 2.79
CA ARG B 158 -8.62 16.12 3.75
C ARG B 158 -7.13 16.35 3.61
N VAL B 159 -6.73 17.61 3.51
CA VAL B 159 -5.32 17.96 3.31
C VAL B 159 -4.89 18.91 4.40
N LEU B 160 -3.92 18.48 5.21
CA LEU B 160 -3.18 19.36 6.09
C LEU B 160 -1.89 19.83 5.42
N LEU B 161 -1.86 21.09 5.00
CA LEU B 161 -0.65 21.64 4.39
C LEU B 161 0.32 22.15 5.47
N PHE B 162 1.59 21.76 5.38
CA PHE B 162 2.50 22.14 6.46
C PHE B 162 3.80 22.75 5.98
N SER B 163 4.41 23.59 6.82
CA SER B 163 5.65 24.28 6.46
C SER B 163 6.33 24.85 7.72
N LEU B 164 7.65 24.97 7.68
CA LEU B 164 8.38 25.72 8.70
C LEU B 164 8.13 27.23 8.55
N SER B 165 7.74 27.64 7.36
CA SER B 165 7.57 29.04 7.01
C SER B 165 6.13 29.57 7.18
N GLN B 166 5.96 30.49 8.13
CA GLN B 166 4.72 31.25 8.27
C GLN B 166 4.27 31.89 6.93
N GLU B 167 5.24 32.32 6.15
CA GLU B 167 5.01 33.00 4.88
C GLU B 167 4.21 32.12 3.92
N HIS B 168 4.57 30.84 3.85
CA HIS B 168 3.92 29.87 2.96
C HIS B 168 2.48 29.59 3.40
N ILE B 169 2.28 29.39 4.71
CA ILE B 169 0.94 29.16 5.25
C ILE B 169 0.01 30.38 5.05
N ASP B 170 0.54 31.58 5.27
CA ASP B 170 -0.23 32.82 5.05
C ASP B 170 -0.74 32.91 3.61
N TYR B 171 0.11 32.60 2.64
CA TYR B 171 -0.30 32.65 1.24
C TYR B 171 -1.43 31.64 0.94
N PHE B 172 -1.34 30.46 1.54
CA PHE B 172 -2.41 29.50 1.41
C PHE B 172 -3.71 29.96 2.08
N ASP B 173 -3.62 30.56 3.27
CA ASP B 173 -4.80 31.00 4.03
C ASP B 173 -5.59 32.10 3.32
N ALA B 174 -4.88 32.94 2.56
CA ALA B 174 -5.53 33.98 1.78
C ALA B 174 -6.23 33.33 0.58
N THR B 175 -5.69 32.17 0.19
CA THR B 175 -6.10 31.43 -1.00
C THR B 175 -7.41 30.69 -0.72
N CYS B 176 -7.65 30.39 0.56
CA CYS B 176 -8.88 29.72 1.03
C CYS B 176 -10.08 30.66 1.11
#